data_1ESE
#
_entry.id   1ESE
#
_cell.length_a   130.390
_cell.length_b   48.520
_cell.length_c   70.190
_cell.angle_alpha   90.00
_cell.angle_beta   117.74
_cell.angle_gamma   90.00
#
_symmetry.space_group_name_H-M   'C 1 2 1'
#
loop_
_entity.id
_entity.type
_entity.pdbx_description
1 polymer ESTERASE
2 non-polymer 'DIETHYL PHOSPHONATE'
3 water water
#
_entity_poly.entity_id   1
_entity_poly.type   'polypeptide(L)'
_entity_poly.pdbx_seq_one_letter_code
;APADPVPTVFFGDSYTANFGIAPVTNQDSERGWCFQAKENYPAVATRSLADKGITLDVQADVSCGGALIHHFWEKQELPF
GAGELPPQQDALKQDTQLTVGSLGGNTLGFNRILKQCSDELRKPSLLPGDPVDGDEPAAKCGEFFGTGDGKQWLDDQFER
VGAELEELLDRIGYFAPDAKRVLVGYPRLVPEDTTKCLTAAPGQTQLPFADIPQDALPVLDQIQKRLNDAMKKAAADGGA
DFVDLYAGTGANTACDGADRGIGGLLEDSQLELLGTKIPWYAHPNDKGRDIQAKQVADKIEEILNR
;
_entity_poly.pdbx_strand_id   A
#
loop_
_chem_comp.id
_chem_comp.type
_chem_comp.name
_chem_comp.formula
DEP non-polymer 'DIETHYL PHOSPHONATE' 'C4 H11 O3 P'
#
# COMPACT_ATOMS: atom_id res chain seq x y z
N ASP A 4 -1.14 8.77 29.15
CA ASP A 4 -2.06 9.67 28.44
C ASP A 4 -2.47 9.11 27.08
N PRO A 5 -3.75 8.91 26.85
CA PRO A 5 -4.13 8.45 25.52
C PRO A 5 -3.71 9.48 24.46
N VAL A 6 -3.35 9.05 23.29
CA VAL A 6 -3.00 9.83 22.11
C VAL A 6 -4.06 9.44 21.11
N PRO A 7 -5.18 10.12 21.06
CA PRO A 7 -6.26 9.80 20.10
C PRO A 7 -5.66 9.68 18.70
N THR A 8 -5.80 8.54 18.06
CA THR A 8 -5.19 8.22 16.78
C THR A 8 -6.15 7.72 15.74
N VAL A 9 -5.93 8.10 14.49
CA VAL A 9 -6.78 7.53 13.43
C VAL A 9 -5.82 6.84 12.44
N PHE A 10 -6.07 5.66 11.99
CA PHE A 10 -5.29 5.03 10.91
C PHE A 10 -6.31 5.05 9.74
N PHE A 11 -5.70 5.30 8.59
CA PHE A 11 -6.37 5.42 7.28
C PHE A 11 -5.46 4.74 6.28
N GLY A 12 -5.89 4.60 5.05
CA GLY A 12 -4.96 4.03 4.08
C GLY A 12 -5.48 3.05 3.06
N ASP A 13 -4.57 2.61 2.21
CA ASP A 13 -4.89 1.69 1.13
C ASP A 13 -4.61 0.33 1.74
N SER A 14 -4.32 -0.64 0.89
CA SER A 14 -4.16 -2.04 1.31
C SER A 14 -2.74 -2.35 1.89
N TYR A 15 -1.85 -1.33 1.92
CA TYR A 15 -0.51 -1.46 2.56
C TYR A 15 -0.59 -1.04 4.01
N THR A 16 -1.74 -0.62 4.51
CA THR A 16 -2.04 -0.29 5.89
C THR A 16 -3.10 -1.27 6.42
N ALA A 17 -3.94 -1.71 5.46
CA ALA A 17 -5.00 -2.69 5.78
C ALA A 17 -4.34 -4.07 5.91
N ASN A 18 -3.32 -4.29 5.09
CA ASN A 18 -2.50 -5.49 4.97
C ASN A 18 -3.26 -6.67 4.35
N PHE A 19 -3.55 -6.41 3.11
CA PHE A 19 -4.22 -7.32 2.21
C PHE A 19 -3.32 -8.54 2.37
N GLY A 20 -3.99 -9.62 2.52
CA GLY A 20 -3.26 -10.90 2.58
C GLY A 20 -3.13 -11.55 3.94
N ILE A 21 -3.10 -10.74 5.00
CA ILE A 21 -2.97 -11.33 6.37
C ILE A 21 -4.41 -11.61 6.78
N ALA A 22 -4.62 -12.72 7.45
CA ALA A 22 -5.96 -13.19 7.87
C ALA A 22 -5.71 -13.57 9.32
N PRO A 23 -6.69 -13.51 10.19
CA PRO A 23 -8.07 -13.13 9.97
C PRO A 23 -8.24 -11.66 9.59
N VAL A 24 -9.33 -11.43 8.90
CA VAL A 24 -9.79 -10.09 8.46
C VAL A 24 -10.66 -9.50 9.57
N THR A 25 -10.87 -8.22 9.66
CA THR A 25 -11.76 -7.67 10.68
C THR A 25 -13.06 -7.49 9.85
N ASN A 26 -14.20 -7.34 10.50
CA ASN A 26 -15.49 -7.24 9.81
C ASN A 26 -15.79 -8.32 8.74
N GLN A 27 -15.36 -9.53 8.97
CA GLN A 27 -15.48 -10.71 8.11
C GLN A 27 -16.82 -10.73 7.38
N ASP A 28 -17.83 -10.75 8.21
CA ASP A 28 -19.26 -10.88 8.06
C ASP A 28 -20.08 -9.62 7.91
N SER A 29 -19.37 -8.58 7.52
CA SER A 29 -19.92 -7.25 7.33
C SER A 29 -19.44 -6.74 5.97
N GLU A 30 -19.95 -5.54 5.75
CA GLU A 30 -19.68 -4.73 4.53
C GLU A 30 -18.19 -4.44 4.47
N ARG A 31 -17.54 -4.01 5.54
CA ARG A 31 -16.08 -3.77 5.57
C ARG A 31 -15.24 -5.04 5.51
N GLY A 32 -15.84 -6.19 5.34
CA GLY A 32 -15.16 -7.47 5.13
C GLY A 32 -14.40 -7.30 3.81
N TRP A 33 -15.01 -6.61 2.84
CA TRP A 33 -14.37 -6.34 1.53
C TRP A 33 -13.21 -5.37 1.58
N CYS A 34 -12.77 -4.89 2.72
CA CYS A 34 -11.61 -4.00 2.87
C CYS A 34 -10.36 -4.89 2.93
N PHE A 35 -10.52 -6.13 3.33
CA PHE A 35 -9.48 -7.18 3.49
C PHE A 35 -8.49 -6.59 4.48
N GLN A 36 -9.05 -6.07 5.56
CA GLN A 36 -8.23 -5.40 6.57
C GLN A 36 -7.97 -6.42 7.64
N ALA A 37 -6.70 -6.77 7.74
CA ALA A 37 -6.31 -7.75 8.75
C ALA A 37 -6.59 -7.17 10.12
N LYS A 38 -6.66 -8.05 11.07
CA LYS A 38 -6.85 -7.84 12.48
C LYS A 38 -5.50 -7.39 13.08
N GLU A 39 -4.48 -7.94 12.47
CA GLU A 39 -3.07 -7.71 12.77
C GLU A 39 -2.28 -6.94 11.70
N ASN A 40 -2.81 -5.83 11.21
CA ASN A 40 -2.14 -4.96 10.22
C ASN A 40 -1.05 -4.20 11.02
N TYR A 41 -0.13 -3.52 10.39
CA TYR A 41 1.00 -2.76 10.99
C TYR A 41 0.32 -1.85 12.01
N PRO A 42 -0.74 -1.09 11.76
CA PRO A 42 -1.41 -0.33 12.85
C PRO A 42 -1.59 -1.12 14.13
N ALA A 43 -2.29 -2.26 14.22
CA ALA A 43 -2.51 -3.14 15.37
C ALA A 43 -1.23 -3.47 16.11
N VAL A 44 -0.18 -3.85 15.44
CA VAL A 44 1.13 -4.26 15.97
C VAL A 44 1.90 -3.07 16.48
N ALA A 45 1.95 -1.94 15.79
CA ALA A 45 2.66 -0.75 16.24
C ALA A 45 2.02 -0.33 17.55
N THR A 46 0.71 -0.32 17.71
CA THR A 46 0.03 0.06 18.95
C THR A 46 0.54 -0.73 20.13
N ARG A 47 0.53 -2.03 19.96
CA ARG A 47 1.02 -3.08 20.88
C ARG A 47 2.44 -2.70 21.27
N SER A 48 3.37 -2.67 20.30
CA SER A 48 4.75 -2.25 20.70
C SER A 48 4.88 -0.91 21.42
N LEU A 49 4.07 0.06 21.00
CA LEU A 49 4.21 1.39 21.60
C LEU A 49 3.61 1.22 23.00
N ALA A 50 2.59 0.38 23.14
CA ALA A 50 2.01 0.25 24.48
C ALA A 50 3.13 -0.14 25.45
N ASP A 51 3.87 -1.18 24.99
CA ASP A 51 4.94 -1.63 25.95
C ASP A 51 6.15 -0.73 26.03
N LYS A 52 6.35 0.26 25.22
CA LYS A 52 7.43 1.25 25.41
C LYS A 52 6.84 2.42 26.21
N GLY A 53 5.65 2.24 26.75
CA GLY A 53 4.70 3.01 27.47
C GLY A 53 4.04 4.16 26.69
N ILE A 54 3.92 4.05 25.36
CA ILE A 54 3.22 5.05 24.57
C ILE A 54 1.78 4.51 24.39
N THR A 55 0.78 5.23 24.86
CA THR A 55 -0.60 4.69 24.75
C THR A 55 -1.46 5.53 23.83
N LEU A 56 -1.71 4.86 22.71
CA LEU A 56 -2.46 5.36 21.58
C LEU A 56 -3.92 5.04 21.81
N ASP A 57 -4.82 5.95 21.64
CA ASP A 57 -6.26 5.54 21.84
C ASP A 57 -6.77 5.57 20.39
N VAL A 58 -6.74 4.42 19.82
CA VAL A 58 -7.15 4.31 18.40
C VAL A 58 -8.65 4.57 18.34
N GLN A 59 -9.09 5.54 17.62
CA GLN A 59 -10.47 6.00 17.46
C GLN A 59 -11.01 5.29 16.25
N ALA A 60 -10.18 5.18 15.23
CA ALA A 60 -10.69 4.48 14.03
C ALA A 60 -9.54 3.85 13.26
N ASP A 61 -9.84 2.81 12.47
CA ASP A 61 -8.79 2.26 11.59
C ASP A 61 -9.68 2.06 10.34
N VAL A 62 -9.58 3.04 9.43
CA VAL A 62 -10.47 2.94 8.27
C VAL A 62 -9.69 2.61 6.99
N SER A 63 -8.54 2.00 7.15
CA SER A 63 -7.84 1.55 5.91
C SER A 63 -8.72 0.47 5.23
N CYS A 64 -8.56 0.41 3.91
CA CYS A 64 -9.32 -0.44 3.09
C CYS A 64 -8.59 -0.63 1.78
N GLY A 65 -8.58 -1.90 1.37
CA GLY A 65 -7.94 -2.13 0.10
C GLY A 65 -8.85 -1.52 -0.98
N GLY A 66 -8.09 -1.09 -1.97
CA GLY A 66 -8.48 -0.46 -3.22
C GLY A 66 -8.58 1.06 -3.11
N ALA A 67 -8.56 1.64 -1.91
CA ALA A 67 -8.70 3.04 -1.64
C ALA A 67 -7.73 3.93 -2.37
N LEU A 68 -8.28 4.88 -3.13
CA LEU A 68 -7.38 5.84 -3.79
C LEU A 68 -7.20 7.00 -2.77
N ILE A 69 -6.44 8.03 -3.14
CA ILE A 69 -6.25 9.18 -2.27
C ILE A 69 -7.59 9.91 -2.06
N HIS A 70 -8.33 10.06 -3.17
CA HIS A 70 -9.60 10.79 -3.13
C HIS A 70 -10.70 10.07 -2.39
N HIS A 71 -10.54 8.83 -2.02
CA HIS A 71 -11.49 8.09 -1.15
C HIS A 71 -11.32 8.58 0.31
N PHE A 72 -10.31 9.43 0.47
CA PHE A 72 -10.08 10.09 1.73
C PHE A 72 -11.23 11.13 1.88
N TRP A 73 -11.76 11.64 0.77
CA TRP A 73 -12.83 12.62 0.81
C TRP A 73 -14.03 12.22 -0.06
N GLU A 74 -14.00 11.13 -0.73
CA GLU A 74 -15.09 10.57 -1.48
C GLU A 74 -15.46 9.19 -0.93
N LYS A 75 -16.66 8.78 -1.18
CA LYS A 75 -17.28 7.52 -0.82
C LYS A 75 -16.66 6.41 -1.66
N GLN A 76 -16.29 5.39 -0.89
CA GLN A 76 -15.66 4.22 -1.50
C GLN A 76 -16.72 3.17 -1.89
N GLU A 77 -16.61 2.82 -3.14
CA GLU A 77 -17.52 1.79 -3.65
C GLU A 77 -16.83 0.43 -3.61
N LEU A 78 -17.27 -0.38 -2.69
CA LEU A 78 -16.74 -1.75 -2.51
C LEU A 78 -17.25 -2.58 -3.70
N PRO A 79 -16.49 -3.64 -3.93
CA PRO A 79 -16.75 -4.58 -5.00
C PRO A 79 -17.96 -5.42 -4.69
N PHE A 80 -18.52 -5.75 -5.86
CA PHE A 80 -19.69 -6.62 -6.04
C PHE A 80 -20.99 -6.13 -5.45
N GLY A 81 -21.15 -4.89 -4.98
CA GLY A 81 -22.51 -4.49 -4.51
C GLY A 81 -22.55 -4.51 -3.00
N ALA A 82 -21.30 -4.66 -2.56
CA ALA A 82 -21.04 -4.73 -1.10
C ALA A 82 -21.68 -3.51 -0.46
N GLY A 83 -21.30 -2.38 -1.04
CA GLY A 83 -21.81 -1.08 -0.56
C GLY A 83 -20.74 -0.01 -0.82
N GLU A 84 -21.12 1.18 -0.42
CA GLU A 84 -20.34 2.41 -0.52
C GLU A 84 -19.85 2.59 0.92
N LEU A 85 -18.58 2.91 1.05
CA LEU A 85 -17.98 3.21 2.38
C LEU A 85 -17.89 4.75 2.42
N PRO A 86 -18.10 5.28 3.61
CA PRO A 86 -17.98 6.73 3.81
C PRO A 86 -16.55 7.20 3.56
N PRO A 87 -16.37 8.50 3.29
CA PRO A 87 -15.02 9.05 3.12
C PRO A 87 -14.18 8.76 4.36
N GLN A 88 -12.92 8.39 4.12
CA GLN A 88 -12.06 8.16 5.32
C GLN A 88 -11.89 9.38 6.23
N GLN A 89 -11.99 10.61 5.79
CA GLN A 89 -11.81 11.86 6.57
C GLN A 89 -12.86 11.99 7.67
N ASP A 90 -13.98 11.31 7.48
CA ASP A 90 -15.05 11.30 8.45
C ASP A 90 -14.67 10.62 9.76
N ALA A 91 -13.62 9.80 9.77
CA ALA A 91 -13.10 9.15 10.96
C ALA A 91 -12.30 10.03 11.95
N LEU A 92 -11.94 11.20 11.49
CA LEU A 92 -11.21 12.20 12.22
C LEU A 92 -12.14 13.03 13.10
N LYS A 93 -11.59 13.41 14.25
CA LYS A 93 -12.25 14.18 15.29
C LYS A 93 -11.29 15.34 15.57
N GLN A 94 -11.79 16.48 16.00
CA GLN A 94 -11.01 17.68 16.33
C GLN A 94 -10.03 17.39 17.48
N ASP A 95 -10.39 16.43 18.32
CA ASP A 95 -9.52 15.97 19.42
C ASP A 95 -8.51 14.91 18.97
N THR A 96 -8.54 14.44 17.72
CA THR A 96 -7.55 13.52 17.15
C THR A 96 -6.18 14.25 17.14
N GLN A 97 -5.13 13.70 17.68
CA GLN A 97 -3.74 14.12 17.81
C GLN A 97 -2.73 13.37 16.89
N LEU A 98 -3.17 12.26 16.29
CA LEU A 98 -2.23 11.51 15.44
C LEU A 98 -2.91 10.78 14.29
N THR A 99 -2.41 11.07 13.07
CA THR A 99 -3.01 10.40 11.89
C THR A 99 -1.86 9.75 11.12
N VAL A 100 -1.93 8.47 10.85
CA VAL A 100 -1.01 7.55 10.15
C VAL A 100 -1.67 6.66 9.12
N GLY A 101 -1.15 6.62 7.90
CA GLY A 101 -1.73 5.68 6.87
C GLY A 101 -0.89 5.84 5.61
N SER A 102 -1.17 5.09 4.56
CA SER A 102 -0.45 5.15 3.28
C SER A 102 -1.58 5.34 2.27
N LEU A 103 -1.42 6.29 1.38
CA LEU A 103 -2.43 6.59 0.34
C LEU A 103 -1.63 7.01 -0.87
N GLY A 104 -2.05 6.60 -2.07
CA GLY A 104 -1.20 7.05 -3.25
C GLY A 104 -0.93 6.02 -4.32
N GLY A 105 -0.60 4.80 -3.91
CA GLY A 105 -0.37 3.75 -4.89
C GLY A 105 -1.53 3.59 -5.86
N ASN A 106 -2.76 3.45 -5.41
CA ASN A 106 -3.94 3.32 -6.28
C ASN A 106 -4.18 4.55 -7.15
N THR A 107 -3.86 5.73 -6.63
CA THR A 107 -4.13 6.88 -7.50
C THR A 107 -3.09 6.84 -8.58
N LEU A 108 -1.86 6.41 -8.27
CA LEU A 108 -0.87 6.42 -9.36
C LEU A 108 -1.40 5.29 -10.28
N GLY A 109 -1.92 4.23 -9.71
CA GLY A 109 -2.49 3.06 -10.34
C GLY A 109 -1.44 1.95 -10.49
N PHE A 110 -0.71 1.73 -9.40
CA PHE A 110 0.36 0.71 -9.44
C PHE A 110 -0.27 -0.63 -9.82
N ASN A 111 -1.49 -0.95 -9.49
CA ASN A 111 -2.30 -2.14 -9.79
C ASN A 111 -2.44 -2.28 -11.31
N ARG A 112 -2.87 -1.28 -12.03
CA ARG A 112 -3.03 -1.24 -13.47
C ARG A 112 -1.73 -1.45 -14.24
N ILE A 113 -0.59 -1.24 -13.65
CA ILE A 113 0.77 -1.33 -14.10
C ILE A 113 1.23 -2.78 -14.04
N LEU A 114 0.87 -3.56 -13.04
CA LEU A 114 1.19 -4.99 -12.88
C LEU A 114 0.39 -5.66 -14.02
N LYS A 115 -0.94 -5.55 -14.10
CA LYS A 115 -1.78 -6.06 -15.17
C LYS A 115 -1.28 -5.65 -16.54
N GLN A 116 -0.58 -4.57 -16.81
CA GLN A 116 -0.09 -4.20 -18.12
C GLN A 116 1.07 -5.19 -18.44
N CYS A 117 1.93 -5.42 -17.48
CA CYS A 117 3.00 -6.38 -17.67
C CYS A 117 2.62 -7.85 -17.38
N SER A 118 1.36 -8.15 -17.11
CA SER A 118 1.08 -9.61 -16.86
C SER A 118 -0.23 -10.09 -17.43
N ASP A 119 -0.22 -11.02 -18.40
CA ASP A 119 -1.44 -11.56 -19.03
C ASP A 119 -2.22 -12.29 -17.92
N GLU A 120 -1.38 -12.91 -17.11
CA GLU A 120 -1.86 -13.64 -15.95
C GLU A 120 -2.82 -12.77 -15.12
N LEU A 121 -2.38 -11.55 -14.84
CA LEU A 121 -3.04 -10.52 -14.05
C LEU A 121 -4.22 -9.98 -14.81
N ARG A 122 -4.17 -9.91 -16.12
CA ARG A 122 -5.28 -9.48 -17.00
C ARG A 122 -6.54 -10.35 -16.99
N LYS A 123 -6.55 -11.47 -16.31
CA LYS A 123 -7.61 -12.40 -16.05
C LYS A 123 -8.23 -12.11 -14.68
N PRO A 124 -9.46 -12.56 -14.56
CA PRO A 124 -10.20 -12.43 -13.29
C PRO A 124 -9.33 -12.82 -12.12
N SER A 125 -9.11 -11.82 -11.30
CA SER A 125 -8.39 -11.70 -10.04
C SER A 125 -9.12 -10.57 -9.27
N LEU A 126 -8.87 -10.62 -8.00
CA LEU A 126 -9.37 -9.76 -6.91
C LEU A 126 -8.50 -8.53 -6.69
N LEU A 127 -7.76 -8.14 -7.68
CA LEU A 127 -6.82 -7.01 -7.70
C LEU A 127 -7.54 -6.07 -8.67
N PRO A 128 -7.91 -4.92 -8.13
CA PRO A 128 -8.62 -3.89 -8.86
C PRO A 128 -7.83 -3.20 -9.98
N GLY A 129 -8.62 -2.79 -10.95
CA GLY A 129 -8.09 -2.04 -12.08
C GLY A 129 -8.06 -2.87 -13.34
N ASP A 130 -7.84 -2.22 -14.45
CA ASP A 130 -7.73 -2.68 -15.79
C ASP A 130 -6.30 -2.31 -16.19
N PRO A 131 -5.77 -2.95 -17.21
CA PRO A 131 -4.40 -2.61 -17.70
C PRO A 131 -4.41 -1.18 -18.18
N VAL A 132 -3.29 -0.56 -18.51
CA VAL A 132 -3.51 0.88 -18.96
C VAL A 132 -3.93 0.70 -20.43
N ASP A 133 -3.11 0.20 -21.33
CA ASP A 133 -3.57 0.00 -22.73
C ASP A 133 -3.94 -1.49 -22.76
N GLY A 134 -5.21 -1.81 -22.68
CA GLY A 134 -5.64 -3.23 -22.75
C GLY A 134 -5.16 -3.97 -24.00
N ASP A 135 -4.95 -3.36 -25.14
CA ASP A 135 -4.46 -3.92 -26.40
C ASP A 135 -2.92 -4.05 -26.39
N GLU A 136 -2.18 -3.07 -25.90
CA GLU A 136 -0.70 -3.29 -25.89
C GLU A 136 -0.55 -4.59 -25.12
N PRO A 137 0.43 -5.37 -25.50
CA PRO A 137 0.62 -6.69 -24.87
C PRO A 137 1.59 -6.78 -23.70
N ALA A 138 1.24 -7.64 -22.75
CA ALA A 138 1.97 -7.96 -21.52
C ALA A 138 3.46 -7.73 -21.72
N ALA A 139 4.14 -8.55 -22.53
CA ALA A 139 5.60 -8.40 -22.71
C ALA A 139 6.19 -7.11 -23.26
N LYS A 140 5.37 -6.34 -23.95
CA LYS A 140 5.75 -5.05 -24.52
C LYS A 140 5.90 -4.05 -23.39
N CYS A 141 5.34 -4.43 -22.25
CA CYS A 141 5.30 -3.66 -21.01
C CYS A 141 6.56 -2.91 -20.63
N GLY A 142 7.80 -3.32 -20.69
CA GLY A 142 8.83 -2.35 -20.19
C GLY A 142 9.18 -1.18 -21.09
N GLU A 143 8.65 -1.27 -22.29
CA GLU A 143 8.77 -0.45 -23.47
C GLU A 143 7.69 0.64 -23.55
N PHE A 144 6.46 0.19 -23.27
CA PHE A 144 5.24 1.01 -23.30
C PHE A 144 5.30 2.11 -22.23
N PHE A 145 5.82 1.70 -21.10
CA PHE A 145 6.01 2.58 -19.95
C PHE A 145 7.24 3.45 -20.10
N GLY A 146 8.27 2.93 -20.73
CA GLY A 146 9.51 3.69 -20.89
C GLY A 146 9.51 4.43 -22.23
N THR A 147 8.66 3.96 -23.14
CA THR A 147 8.74 4.71 -24.43
C THR A 147 7.42 5.04 -25.05
N GLY A 148 6.47 4.19 -24.72
CA GLY A 148 5.12 4.29 -25.27
C GLY A 148 4.30 5.46 -24.79
N ASP A 149 2.99 5.19 -24.90
CA ASP A 149 1.92 6.12 -24.49
C ASP A 149 1.92 6.00 -22.95
N GLY A 150 2.40 4.86 -22.45
CA GLY A 150 2.50 4.65 -20.99
C GLY A 150 3.41 5.75 -20.41
N LYS A 151 4.45 6.14 -21.11
CA LYS A 151 5.33 7.21 -20.58
C LYS A 151 4.56 8.52 -20.35
N GLN A 152 3.62 9.01 -21.14
CA GLN A 152 2.97 10.30 -20.83
C GLN A 152 1.88 10.22 -19.76
N TRP A 153 1.30 9.07 -19.75
CA TRP A 153 0.27 8.54 -18.88
C TRP A 153 0.86 8.45 -17.48
N LEU A 154 2.12 8.08 -17.35
CA LEU A 154 2.72 8.04 -16.02
C LEU A 154 2.79 9.46 -15.44
N ASP A 155 3.27 10.37 -16.25
CA ASP A 155 3.46 11.76 -15.91
C ASP A 155 2.07 12.38 -15.67
N ASP A 156 1.06 11.91 -16.37
CA ASP A 156 -0.30 12.44 -16.11
C ASP A 156 -0.67 12.17 -14.65
N GLN A 157 -0.58 10.91 -14.26
CA GLN A 157 -0.92 10.33 -12.97
C GLN A 157 -0.12 10.81 -11.75
N PHE A 158 1.09 11.15 -12.03
CA PHE A 158 2.14 11.65 -11.14
C PHE A 158 1.78 13.05 -10.66
N GLU A 159 1.17 13.80 -11.53
CA GLU A 159 0.64 15.12 -11.37
C GLU A 159 -0.73 14.85 -10.75
N ARG A 160 -1.50 13.79 -10.99
CA ARG A 160 -2.77 13.77 -10.18
C ARG A 160 -2.36 13.44 -8.72
N VAL A 161 -1.20 12.78 -8.58
CA VAL A 161 -0.75 12.40 -7.25
C VAL A 161 -0.30 13.60 -6.43
N GLY A 162 0.52 14.49 -6.94
CA GLY A 162 1.02 15.61 -6.14
C GLY A 162 -0.12 16.44 -5.53
N ALA A 163 -0.98 16.77 -6.46
CA ALA A 163 -2.17 17.59 -6.18
C ALA A 163 -2.98 16.81 -5.15
N GLU A 164 -3.51 15.63 -5.39
CA GLU A 164 -4.21 14.90 -4.31
C GLU A 164 -3.47 14.66 -3.01
N LEU A 165 -2.18 14.44 -2.84
CA LEU A 165 -1.46 14.23 -1.59
C LEU A 165 -1.51 15.52 -0.78
N GLU A 166 -1.31 16.55 -1.57
CA GLU A 166 -1.33 17.95 -1.08
C GLU A 166 -2.72 18.25 -0.49
N GLU A 167 -3.79 17.89 -1.22
CA GLU A 167 -5.16 18.09 -0.72
C GLU A 167 -5.45 17.27 0.55
N LEU A 168 -5.03 16.03 0.62
CA LEU A 168 -5.21 15.07 1.71
C LEU A 168 -4.54 15.64 2.96
N LEU A 169 -3.29 16.05 2.73
CA LEU A 169 -2.53 16.65 3.82
C LEU A 169 -3.31 17.91 4.22
N ASP A 170 -4.04 18.61 3.34
CA ASP A 170 -4.74 19.79 3.94
C ASP A 170 -6.12 19.41 4.54
N ARG A 171 -6.88 18.42 4.09
CA ARG A 171 -8.16 18.15 4.81
C ARG A 171 -7.86 17.62 6.22
N ILE A 172 -6.76 16.93 6.39
CA ILE A 172 -6.33 16.42 7.71
C ILE A 172 -6.10 17.63 8.58
N GLY A 173 -5.30 18.59 8.16
CA GLY A 173 -4.94 19.86 8.85
C GLY A 173 -6.15 20.70 9.27
N TYR A 174 -7.27 20.59 8.58
CA TYR A 174 -8.56 21.21 8.69
C TYR A 174 -9.55 20.61 9.68
N PHE A 175 -9.66 19.32 9.54
CA PHE A 175 -10.48 18.43 10.37
C PHE A 175 -9.81 18.12 11.73
N ALA A 176 -8.52 17.96 11.87
CA ALA A 176 -7.76 17.50 13.06
C ALA A 176 -6.60 18.44 13.07
N PRO A 177 -6.97 19.59 13.59
CA PRO A 177 -6.05 20.74 13.59
C PRO A 177 -4.81 20.59 14.40
N ASP A 178 -4.88 19.69 15.34
CA ASP A 178 -3.80 19.37 16.27
C ASP A 178 -3.09 18.08 15.92
N ALA A 179 -3.61 17.44 14.90
CA ALA A 179 -3.05 16.14 14.56
C ALA A 179 -1.67 16.22 14.00
N LYS A 180 -0.77 15.39 14.48
CA LYS A 180 0.57 15.22 13.86
C LYS A 180 0.28 14.28 12.66
N ARG A 181 0.66 14.67 11.48
CA ARG A 181 0.39 13.84 10.27
C ARG A 181 1.60 13.03 9.87
N VAL A 182 1.37 11.72 9.76
CA VAL A 182 2.38 10.74 9.35
C VAL A 182 1.90 9.98 8.08
N LEU A 183 2.68 10.19 7.06
CA LEU A 183 2.50 9.59 5.74
C LEU A 183 3.41 8.35 5.67
N VAL A 184 2.83 7.18 5.47
CA VAL A 184 3.68 5.98 5.37
C VAL A 184 3.93 5.64 3.87
N GLY A 185 5.21 5.40 3.59
CA GLY A 185 5.74 5.02 2.33
C GLY A 185 5.42 3.52 2.11
N TYR A 186 5.54 3.01 0.90
CA TYR A 186 5.41 1.64 0.41
C TYR A 186 6.81 1.03 0.47
N PRO A 187 6.94 -0.23 0.86
CA PRO A 187 8.28 -0.87 0.96
C PRO A 187 8.68 -1.31 -0.42
N ARG A 188 9.98 -1.55 -0.54
CA ARG A 188 10.49 -1.89 -1.92
C ARG A 188 10.03 -3.21 -2.46
N LEU A 189 9.49 -3.17 -3.66
CA LEU A 189 8.96 -4.39 -4.35
C LEU A 189 10.09 -5.23 -4.99
N VAL A 190 10.86 -4.56 -5.83
CA VAL A 190 12.01 -4.97 -6.59
C VAL A 190 13.35 -4.41 -6.14
N PRO A 191 14.33 -5.28 -6.01
CA PRO A 191 15.68 -4.85 -5.62
C PRO A 191 16.41 -4.22 -6.78
N GLU A 192 17.52 -3.57 -6.42
CA GLU A 192 18.49 -2.85 -7.29
C GLU A 192 19.15 -3.91 -8.18
N ASP A 193 19.25 -5.15 -7.78
CA ASP A 193 19.74 -6.32 -8.46
C ASP A 193 18.56 -7.21 -8.94
N THR A 194 17.96 -6.88 -10.08
CA THR A 194 16.84 -7.70 -10.55
C THR A 194 17.14 -9.16 -10.76
N THR A 195 18.41 -9.43 -10.99
CA THR A 195 18.81 -10.84 -11.24
C THR A 195 18.14 -11.74 -10.20
N LYS A 196 18.08 -11.32 -8.96
CA LYS A 196 17.48 -12.07 -7.88
C LYS A 196 16.03 -12.43 -8.05
N CYS A 197 15.30 -11.88 -8.99
CA CYS A 197 13.85 -12.15 -9.15
C CYS A 197 13.61 -13.34 -10.04
N LEU A 198 14.77 -13.65 -10.62
CA LEU A 198 14.88 -14.72 -11.61
C LEU A 198 14.78 -16.10 -10.99
N THR A 199 14.93 -16.25 -9.72
CA THR A 199 14.82 -17.56 -9.02
C THR A 199 13.54 -17.63 -8.26
N ALA A 200 12.97 -18.81 -8.09
CA ALA A 200 11.71 -18.79 -7.28
C ALA A 200 12.21 -18.82 -5.83
N ALA A 201 11.49 -18.27 -4.87
CA ALA A 201 11.70 -18.22 -3.45
C ALA A 201 11.50 -19.65 -2.89
N PRO A 202 12.38 -20.09 -2.02
CA PRO A 202 12.34 -21.39 -1.37
C PRO A 202 10.93 -21.86 -1.09
N GLY A 203 10.42 -22.97 -1.69
CA GLY A 203 9.04 -23.39 -1.37
C GLY A 203 8.01 -22.96 -2.42
N GLN A 204 8.42 -22.02 -3.24
CA GLN A 204 7.61 -21.45 -4.32
C GLN A 204 8.08 -22.15 -5.58
N THR A 205 7.10 -22.32 -6.43
CA THR A 205 7.26 -22.95 -7.77
C THR A 205 7.25 -21.79 -8.79
N GLN A 206 6.46 -20.79 -8.36
CA GLN A 206 6.29 -19.56 -9.15
C GLN A 206 7.18 -18.40 -8.75
N LEU A 207 7.57 -17.69 -9.84
CA LEU A 207 8.52 -16.51 -9.70
C LEU A 207 7.95 -15.33 -8.91
N PRO A 208 8.78 -14.49 -8.32
CA PRO A 208 8.28 -13.38 -7.45
C PRO A 208 7.22 -12.57 -8.17
N PHE A 209 7.52 -12.21 -9.41
CA PHE A 209 6.62 -11.48 -10.26
C PHE A 209 6.04 -12.23 -11.46
N ALA A 210 5.57 -13.46 -11.39
CA ALA A 210 4.92 -14.34 -12.37
C ALA A 210 5.42 -14.23 -13.78
N ASP A 211 4.63 -13.82 -14.77
CA ASP A 211 4.97 -13.53 -16.17
C ASP A 211 5.45 -12.14 -16.57
N ILE A 212 5.88 -11.40 -15.56
CA ILE A 212 6.28 -10.00 -15.84
C ILE A 212 7.68 -10.04 -16.44
N PRO A 213 7.77 -9.55 -17.68
CA PRO A 213 9.06 -9.45 -18.37
C PRO A 213 10.06 -8.87 -17.40
N GLN A 214 11.16 -9.47 -17.19
CA GLN A 214 12.34 -9.26 -16.35
C GLN A 214 13.09 -7.97 -16.58
N ASP A 215 12.80 -7.55 -17.80
CA ASP A 215 13.29 -6.31 -18.45
C ASP A 215 12.32 -5.20 -17.99
N ALA A 216 11.13 -5.70 -17.67
CA ALA A 216 10.04 -4.86 -17.14
C ALA A 216 10.48 -4.58 -15.70
N LEU A 217 11.08 -5.48 -14.95
CA LEU A 217 11.52 -5.27 -13.57
C LEU A 217 12.21 -3.95 -13.24
N PRO A 218 13.23 -3.45 -13.89
CA PRO A 218 13.88 -2.16 -13.56
C PRO A 218 13.05 -0.91 -13.75
N VAL A 219 12.02 -0.87 -14.56
CA VAL A 219 11.14 0.27 -14.89
C VAL A 219 10.22 0.48 -13.67
N LEU A 220 9.75 -0.69 -13.21
CA LEU A 220 8.88 -0.93 -12.10
C LEU A 220 9.46 -0.29 -10.83
N ASP A 221 10.74 -0.46 -10.60
CA ASP A 221 11.43 0.09 -9.45
C ASP A 221 11.52 1.62 -9.59
N GLN A 222 11.92 1.99 -10.78
CA GLN A 222 12.05 3.39 -11.22
C GLN A 222 10.71 4.06 -10.92
N ILE A 223 9.60 3.44 -11.30
CA ILE A 223 8.26 3.93 -11.00
C ILE A 223 8.00 4.03 -9.50
N GLN A 224 8.57 3.13 -8.71
CA GLN A 224 8.34 3.11 -7.25
C GLN A 224 9.24 4.16 -6.61
N LYS A 225 10.43 4.35 -7.15
CA LYS A 225 11.32 5.37 -6.61
C LYS A 225 10.64 6.73 -6.63
N ARG A 226 10.07 7.17 -7.73
CA ARG A 226 9.28 8.33 -8.09
C ARG A 226 8.08 8.70 -7.19
N LEU A 227 7.24 7.65 -7.11
CA LEU A 227 6.10 7.59 -6.27
C LEU A 227 6.66 7.94 -4.85
N ASN A 228 7.73 7.35 -4.40
CA ASN A 228 8.35 7.51 -3.11
C ASN A 228 8.73 8.98 -2.99
N ASP A 229 9.48 9.39 -3.99
CA ASP A 229 9.95 10.79 -4.01
C ASP A 229 8.71 11.69 -4.01
N ALA A 230 7.63 11.41 -4.71
CA ALA A 230 6.44 12.30 -4.65
C ALA A 230 5.78 12.44 -3.28
N MET A 231 5.68 11.37 -2.53
CA MET A 231 5.13 11.29 -1.19
C MET A 231 6.05 12.04 -0.21
N LYS A 232 7.36 11.87 -0.36
CA LYS A 232 8.31 12.60 0.50
C LYS A 232 8.14 14.10 0.22
N LYS A 233 8.11 14.63 -0.99
CA LYS A 233 7.97 16.10 -1.10
C LYS A 233 6.62 16.56 -0.57
N ALA A 234 5.58 15.79 -0.82
CA ALA A 234 4.22 16.06 -0.36
C ALA A 234 4.25 16.27 1.15
N ALA A 235 4.81 15.36 1.91
CA ALA A 235 4.86 15.53 3.38
C ALA A 235 5.73 16.70 3.80
N ALA A 236 6.81 16.90 3.03
CA ALA A 236 7.77 17.99 3.33
C ALA A 236 6.99 19.29 3.25
N ASP A 237 6.47 19.51 2.06
CA ASP A 237 5.65 20.69 1.80
C ASP A 237 4.34 20.77 2.59
N GLY A 238 3.84 19.75 3.24
CA GLY A 238 2.51 19.75 3.87
C GLY A 238 2.52 19.87 5.38
N GLY A 239 3.71 19.75 5.94
CA GLY A 239 3.87 19.79 7.39
C GLY A 239 3.69 18.41 8.02
N ALA A 240 3.67 17.36 7.23
CA ALA A 240 3.57 15.97 7.63
C ALA A 240 4.95 15.35 7.84
N ASP A 241 5.07 14.23 8.52
CA ASP A 241 6.27 13.42 8.73
C ASP A 241 6.15 12.22 7.76
N PHE A 242 7.26 11.73 7.29
CA PHE A 242 7.06 10.58 6.31
C PHE A 242 7.91 9.40 6.81
N VAL A 243 7.32 8.20 6.79
CA VAL A 243 8.00 6.95 7.10
C VAL A 243 8.44 6.33 5.73
N ASP A 244 9.70 6.41 5.40
CA ASP A 244 10.37 5.90 4.20
C ASP A 244 10.77 4.42 4.32
N LEU A 245 9.79 3.58 3.99
CA LEU A 245 9.97 2.11 4.02
C LEU A 245 10.84 1.63 2.88
N TYR A 246 10.68 2.24 1.74
CA TYR A 246 11.43 1.94 0.50
C TYR A 246 12.92 1.97 0.74
N ALA A 247 13.48 2.94 1.47
CA ALA A 247 14.93 3.11 1.75
C ALA A 247 15.43 1.96 2.64
N GLY A 248 14.67 1.33 3.50
CA GLY A 248 15.24 0.20 4.23
C GLY A 248 14.68 -1.18 3.95
N THR A 249 14.09 -1.46 2.83
CA THR A 249 13.50 -2.79 2.53
C THR A 249 14.22 -3.30 1.29
N GLY A 250 15.34 -2.68 1.04
CA GLY A 250 16.24 -2.87 -0.04
C GLY A 250 16.65 -4.33 -0.23
N ALA A 251 16.68 -5.16 0.77
CA ALA A 251 16.96 -6.55 0.93
C ALA A 251 15.74 -7.35 1.51
N ASN A 252 14.53 -6.85 1.61
CA ASN A 252 13.34 -7.56 2.06
C ASN A 252 12.29 -7.44 0.94
N THR A 253 12.72 -7.24 -0.29
CA THR A 253 11.85 -7.13 -1.47
C THR A 253 11.15 -8.44 -1.80
N ALA A 254 10.45 -8.46 -2.92
CA ALA A 254 9.68 -9.59 -3.42
C ALA A 254 10.68 -10.69 -3.69
N CYS A 255 11.85 -10.41 -4.18
CA CYS A 255 12.93 -11.32 -4.53
C CYS A 255 14.09 -11.56 -3.61
N ASP A 256 14.00 -11.50 -2.30
CA ASP A 256 15.12 -11.75 -1.36
C ASP A 256 14.93 -13.05 -0.59
N GLY A 257 14.26 -13.89 -1.34
CA GLY A 257 13.93 -15.25 -0.95
C GLY A 257 13.18 -15.42 0.35
N ALA A 258 13.93 -15.77 1.37
CA ALA A 258 13.32 -16.03 2.67
C ALA A 258 13.32 -14.81 3.56
N ASP A 259 13.98 -13.76 3.14
CA ASP A 259 14.00 -12.50 3.91
C ASP A 259 13.03 -11.53 3.17
N ARG A 260 12.36 -12.03 2.15
CA ARG A 260 11.35 -11.32 1.35
C ARG A 260 10.30 -10.78 2.32
N GLY A 261 9.80 -9.59 2.06
CA GLY A 261 8.82 -8.93 2.95
C GLY A 261 7.57 -8.75 2.12
N ILE A 262 7.73 -8.98 0.81
CA ILE A 262 6.62 -8.95 -0.15
C ILE A 262 6.19 -10.36 -0.59
N GLY A 263 4.94 -10.82 -0.36
CA GLY A 263 4.43 -12.11 -0.84
C GLY A 263 4.46 -11.93 -2.40
N GLY A 264 4.66 -13.06 -3.08
CA GLY A 264 4.77 -12.96 -4.55
C GLY A 264 3.47 -12.51 -5.20
N LEU A 265 3.50 -12.28 -6.51
CA LEU A 265 2.33 -11.86 -7.31
C LEU A 265 1.18 -12.83 -7.21
N LEU A 266 1.51 -14.06 -7.54
CA LEU A 266 0.72 -15.31 -7.55
C LEU A 266 0.91 -16.25 -6.37
N GLU A 267 1.78 -15.89 -5.42
CA GLU A 267 2.03 -16.67 -4.19
C GLU A 267 0.82 -16.64 -3.30
N ASP A 268 0.54 -17.61 -2.44
CA ASP A 268 -0.70 -17.59 -1.68
C ASP A 268 -0.57 -16.97 -0.30
N SER A 269 -1.52 -16.10 -0.08
CA SER A 269 -1.69 -15.36 1.15
C SER A 269 -2.31 -16.45 2.06
N GLN A 270 -2.85 -15.96 3.16
CA GLN A 270 -3.56 -16.55 4.24
C GLN A 270 -5.09 -16.48 4.15
N LEU A 271 -5.39 -15.76 3.09
CA LEU A 271 -6.79 -15.49 2.78
C LEU A 271 -7.45 -16.65 2.04
N GLU A 272 -8.56 -17.14 2.53
CA GLU A 272 -9.27 -18.21 1.78
C GLU A 272 -10.72 -17.80 1.45
N LEU A 273 -11.09 -18.02 0.19
CA LEU A 273 -12.50 -17.69 -0.14
C LEU A 273 -13.31 -18.98 -0.26
N LEU A 274 -13.43 -19.85 -1.24
CA LEU A 274 -14.35 -21.03 -0.92
C LEU A 274 -13.39 -22.07 -0.42
N GLY A 275 -12.56 -22.68 -1.19
CA GLY A 275 -11.55 -23.59 -0.47
C GLY A 275 -10.30 -23.07 -1.18
N THR A 276 -10.02 -21.79 -1.17
CA THR A 276 -8.88 -21.31 -1.95
C THR A 276 -8.15 -20.13 -1.33
N LYS A 277 -6.84 -20.22 -1.35
CA LYS A 277 -5.98 -19.15 -0.89
C LYS A 277 -6.01 -18.14 -2.07
N ILE A 278 -6.11 -16.90 -1.63
CA ILE A 278 -6.08 -15.77 -2.57
C ILE A 278 -4.60 -15.47 -2.56
N PRO A 279 -4.04 -15.17 -3.71
CA PRO A 279 -2.60 -14.83 -3.78
C PRO A 279 -2.25 -13.48 -3.13
N TRP A 280 -1.00 -13.25 -2.78
CA TRP A 280 -0.49 -12.05 -2.13
C TRP A 280 -0.70 -10.83 -3.01
N TYR A 281 -0.42 -11.01 -4.28
CA TYR A 281 -0.54 -9.94 -5.28
C TYR A 281 0.50 -8.83 -4.92
N ALA A 282 1.65 -9.24 -4.42
CA ALA A 282 2.70 -8.30 -4.13
C ALA A 282 2.42 -7.36 -2.95
N HIS A 283 1.83 -7.84 -1.89
CA HIS A 283 1.53 -7.03 -0.69
C HIS A 283 2.43 -7.59 0.42
N PRO A 284 2.70 -6.79 1.44
CA PRO A 284 3.56 -7.25 2.53
C PRO A 284 3.05 -8.52 3.19
N ASN A 285 4.01 -9.30 3.65
CA ASN A 285 3.66 -10.59 4.31
C ASN A 285 3.92 -10.29 5.78
N ASP A 286 3.95 -11.36 6.49
CA ASP A 286 4.19 -11.36 7.94
C ASP A 286 5.44 -10.56 8.28
N LYS A 287 6.52 -10.85 7.62
CA LYS A 287 7.82 -10.18 7.86
C LYS A 287 7.73 -8.73 7.42
N GLY A 288 7.22 -8.64 6.22
CA GLY A 288 7.00 -7.34 5.56
C GLY A 288 6.12 -6.58 6.54
N ARG A 289 5.10 -7.15 7.13
CA ARG A 289 4.29 -6.38 8.11
C ARG A 289 4.99 -6.06 9.42
N ASP A 290 5.97 -6.89 9.78
CA ASP A 290 6.69 -6.70 11.05
C ASP A 290 7.59 -5.46 10.88
N ILE A 291 8.13 -5.21 9.71
CA ILE A 291 9.03 -4.09 9.37
C ILE A 291 8.39 -2.71 9.37
N GLN A 292 7.22 -2.70 8.78
CA GLN A 292 6.25 -1.69 8.52
C GLN A 292 5.84 -1.43 9.96
N ALA A 293 5.55 -2.47 10.68
CA ALA A 293 5.10 -2.21 12.06
C ALA A 293 6.18 -1.53 12.85
N LYS A 294 7.40 -1.98 12.70
CA LYS A 294 8.58 -1.49 13.46
C LYS A 294 8.91 -0.02 13.26
N GLN A 295 9.13 0.26 12.00
CA GLN A 295 9.42 1.49 11.32
C GLN A 295 8.41 2.57 11.68
N VAL A 296 7.16 2.27 11.68
CA VAL A 296 6.08 3.16 12.03
C VAL A 296 6.18 3.38 13.54
N ALA A 297 6.22 2.35 14.34
CA ALA A 297 6.38 2.49 15.79
C ALA A 297 7.53 3.49 16.08
N ASP A 298 8.66 3.21 15.50
CA ASP A 298 9.89 3.97 15.56
C ASP A 298 9.58 5.47 15.36
N LYS A 299 9.19 6.04 14.26
CA LYS A 299 8.89 7.45 13.96
C LYS A 299 7.84 8.10 14.86
N ILE A 300 6.82 7.38 15.25
CA ILE A 300 5.78 7.86 16.14
C ILE A 300 6.46 8.21 17.48
N GLU A 301 7.35 7.32 17.88
CA GLU A 301 8.12 7.50 19.11
C GLU A 301 8.89 8.81 18.98
N GLU A 302 9.59 8.93 17.86
CA GLU A 302 10.36 10.17 17.54
C GLU A 302 9.57 11.47 17.78
N ILE A 303 8.53 11.74 17.06
CA ILE A 303 7.49 12.73 17.05
C ILE A 303 6.79 12.90 18.38
N LEU A 304 6.58 11.90 19.22
CA LEU A 304 5.89 12.12 20.51
C LEU A 304 6.88 12.54 21.58
N ASN A 305 8.14 12.69 21.20
CA ASN A 305 9.31 13.05 21.99
C ASN A 305 10.16 14.19 21.45
C1 DEP B . -6.01 -4.42 -2.15
C2 DEP B . -6.19 -5.69 -3.10
C3 DEP B . -2.30 -0.05 -2.94
C4 DEP B . -1.17 0.61 -3.89
O1 DEP B . -4.90 -3.52 -2.43
O2 DEP B . -2.77 -1.48 -2.97
O3 DEP B . -5.05 -1.14 -2.16
P DEP B . -4.13 -2.06 -2.21
#